data_7HKN
#
_entry.id   7HKN
#
_cell.length_a   82.525
_cell.length_b   117.360
_cell.length_c   148.890
_cell.angle_alpha   90.00
_cell.angle_beta   90.00
_cell.angle_gamma   90.00
#
_symmetry.space_group_name_H-M   'I 2 2 2'
#
loop_
_entity.id
_entity.type
_entity.pdbx_description
1 polymer 'Genome polyprotein'
2 non-polymer 'ZINC ION'
3 non-polymer '2-(N-MORPHOLINO)-ETHANESULFONIC ACID'
4 non-polymer 'DIMETHYL SULFOXIDE'
5 non-polymer DI(HYDROXYETHYL)ETHER
6 non-polymer 'PHOSPHATE ION'
7 non-polymer 4-chloro-1H-benzimidazole
8 water water
#
_entity_poly.entity_id   1
_entity_poly.type   'polypeptide(L)'
_entity_poly.pdbx_seq_one_letter_code
;GPGIESETPNLDIIGKRIEKIKQEHETSWHYDQDHPYKTWAYHGSYETKQTGSASSMVNGVVRLLTKPWDIIPMVTQMAM
TDTTPFGQQRVFKEKVDTRTQEPKEGTKKLMKITAEWLWKELGKKKTPRMCTREEFTRKVRSNAALGAIFTDENKWKSAR
EAVEDSGFWELVDKERNLHLEGKCETCVYNMMGKREKKLGEFGKAKGSRAIWYMWLGARFLEFEALGFLNEDHWFSRENS
LSGVEGEGLHKLGYILRDVSKKEGGAMYADDTAGWDTRITLEDLKNEEMVTNHMEGEHKKLAEAIFKLTYQNKVVRVQRP
TPRGTVMDIISRRDQRGSGQVVTYGLNTFTNMEAQLIRQMEGEGVFKSIQHLTVTEEIAVKNWLVRVGRERLSRMAISGD
DCVVKPLDDRFASALTALNDMGKVRKDIQQWEPSRGWNDWTQVPFCSHHFHELIMKDGRVLVVPCRNQDELIGRARISQG
AGWSLRETACLGKSYAQMWSLMYFHRRDLRLAANAICSAVPSHWVPTSRTTWSIHATHEWMTTEDMLTVWNRVWIQENPW
MEDKTPVESWEEIPYLGKREDQWCGSLIGLTSRATWAKNIQTAINQVRSLIGNEEYTDYMPSMKRFRREEEEAGVLW
;
_entity_poly.pdbx_strand_id   A
#
loop_
_chem_comp.id
_chem_comp.type
_chem_comp.name
_chem_comp.formula
DMS non-polymer 'DIMETHYL SULFOXIDE' 'C2 H6 O S'
KBU non-polymer 4-chloro-1H-benzimidazole 'C7 H5 Cl N2'
MES non-polymer '2-(N-MORPHOLINO)-ETHANESULFONIC ACID' 'C6 H13 N O4 S'
PEG non-polymer DI(HYDROXYETHYL)ETHER 'C4 H10 O3'
PO4 non-polymer 'PHOSPHATE ION' 'O4 P -3'
ZN non-polymer 'ZINC ION' 'Zn 2'
#
# COMPACT_ATOMS: atom_id res chain seq x y z
N ASN A 10 -20.03 -10.01 -23.03
CA ASN A 10 -20.28 -11.12 -22.04
C ASN A 10 -19.49 -12.36 -22.50
N LEU A 11 -20.18 -13.51 -22.68
CA LEU A 11 -19.62 -14.89 -22.53
C LEU A 11 -18.66 -15.26 -23.68
N ASP A 12 -18.64 -14.49 -24.77
CA ASP A 12 -17.65 -14.67 -25.86
C ASP A 12 -16.24 -14.42 -25.30
N ILE A 13 -16.03 -13.31 -24.59
CA ILE A 13 -14.69 -12.83 -24.11
C ILE A 13 -14.21 -13.70 -22.94
N ILE A 14 -15.12 -14.14 -22.07
CA ILE A 14 -14.81 -14.85 -20.79
C ILE A 14 -14.93 -16.37 -20.99
N GLY A 15 -15.77 -16.83 -21.93
CA GLY A 15 -16.20 -18.24 -22.07
C GLY A 15 -15.06 -19.20 -22.36
N LYS A 16 -14.05 -18.74 -23.12
CA LYS A 16 -12.87 -19.52 -23.54
C LYS A 16 -12.15 -20.04 -22.29
N ARG A 17 -11.64 -19.12 -21.47
CA ARG A 17 -11.11 -19.38 -20.11
C ARG A 17 -12.03 -20.35 -19.35
N ILE A 18 -13.34 -20.14 -19.45
CA ILE A 18 -14.39 -20.88 -18.69
C ILE A 18 -14.39 -22.34 -19.17
N GLU A 19 -14.57 -22.54 -20.48
CA GLU A 19 -14.52 -23.87 -21.12
C GLU A 19 -13.26 -24.63 -20.66
N LYS A 20 -12.10 -23.97 -20.67
CA LYS A 20 -10.79 -24.62 -20.43
C LYS A 20 -10.74 -25.27 -19.05
N ILE A 21 -11.39 -24.66 -18.04
CA ILE A 21 -11.41 -25.15 -16.63
C ILE A 21 -12.51 -26.23 -16.53
N LYS A 22 -13.69 -25.91 -17.06
CA LYS A 22 -14.81 -26.87 -17.30
C LYS A 22 -14.21 -28.26 -17.61
N GLN A 23 -13.33 -28.33 -18.61
CA GLN A 23 -12.79 -29.59 -19.19
C GLN A 23 -11.71 -30.21 -18.28
N GLU A 24 -10.93 -29.40 -17.56
CA GLU A 24 -9.85 -29.91 -16.66
C GLU A 24 -10.50 -30.56 -15.43
N HIS A 25 -11.67 -30.05 -15.01
CA HIS A 25 -12.49 -30.59 -13.88
C HIS A 25 -13.84 -31.05 -14.44
N GLU A 26 -13.82 -31.92 -15.47
CA GLU A 26 -14.99 -32.49 -16.19
C GLU A 26 -15.77 -33.41 -15.24
N THR A 27 -15.06 -34.31 -14.54
CA THR A 27 -15.60 -35.33 -13.61
C THR A 27 -16.23 -34.68 -12.36
N SER A 28 -16.42 -33.35 -12.33
CA SER A 28 -16.88 -32.61 -11.13
C SER A 28 -17.93 -31.54 -11.45
N TRP A 29 -18.06 -31.09 -12.70
CA TRP A 29 -18.85 -29.87 -13.08
C TRP A 29 -20.32 -30.01 -12.61
N HIS A 30 -20.95 -28.88 -12.25
CA HIS A 30 -22.39 -28.77 -11.90
C HIS A 30 -22.78 -27.29 -11.77
N TYR A 31 -23.99 -26.90 -12.18
CA TYR A 31 -24.56 -25.56 -11.89
C TYR A 31 -25.32 -25.64 -10.58
N ASP A 32 -24.68 -25.23 -9.47
CA ASP A 32 -25.22 -25.25 -8.09
C ASP A 32 -26.45 -24.33 -8.02
N GLN A 33 -27.63 -24.90 -7.74
CA GLN A 33 -28.94 -24.19 -7.77
C GLN A 33 -29.12 -23.39 -6.48
N ASP A 34 -28.22 -23.58 -5.50
CA ASP A 34 -28.15 -22.76 -4.25
C ASP A 34 -26.79 -22.05 -4.23
N HIS A 35 -26.54 -21.17 -5.20
CA HIS A 35 -25.32 -20.31 -5.29
C HIS A 35 -25.60 -18.95 -4.64
N PRO A 36 -24.75 -18.50 -3.70
CA PRO A 36 -25.07 -17.32 -2.87
C PRO A 36 -24.80 -15.95 -3.50
N TYR A 37 -24.48 -15.88 -4.79
CA TYR A 37 -24.15 -14.61 -5.49
C TYR A 37 -25.43 -13.96 -5.98
N LYS A 38 -25.38 -12.63 -6.15
CA LYS A 38 -26.34 -11.85 -6.98
C LYS A 38 -25.55 -11.08 -8.05
N THR A 39 -24.62 -10.22 -7.62
CA THR A 39 -23.86 -9.24 -8.46
C THR A 39 -22.75 -9.96 -9.27
N TRP A 40 -22.10 -10.98 -8.69
CA TRP A 40 -21.20 -11.91 -9.41
C TRP A 40 -22.01 -12.85 -10.31
N ALA A 41 -21.73 -12.86 -11.62
CA ALA A 41 -22.31 -13.79 -12.63
C ALA A 41 -21.69 -15.19 -12.43
N TYR A 42 -22.52 -16.16 -12.07
CA TYR A 42 -22.15 -17.56 -11.73
C TYR A 42 -21.99 -18.37 -13.01
N HIS A 43 -21.33 -19.53 -12.90
CA HIS A 43 -21.10 -20.40 -14.08
C HIS A 43 -21.13 -21.89 -13.67
N GLY A 44 -20.60 -22.25 -12.50
CA GLY A 44 -20.57 -23.66 -12.06
C GLY A 44 -19.63 -23.88 -10.90
N SER A 45 -19.33 -25.15 -10.58
CA SER A 45 -18.53 -25.59 -9.40
C SER A 45 -17.78 -26.91 -9.70
N TYR A 46 -16.67 -27.19 -8.98
CA TYR A 46 -15.90 -28.47 -9.00
C TYR A 46 -15.27 -28.74 -7.63
N GLU A 47 -15.03 -30.01 -7.30
CA GLU A 47 -14.61 -30.47 -5.93
C GLU A 47 -13.16 -30.02 -5.66
N THR A 48 -12.91 -29.46 -4.46
CA THR A 48 -11.57 -29.26 -3.83
C THR A 48 -11.70 -29.59 -2.33
N LYS A 49 -10.65 -29.37 -1.52
CA LYS A 49 -10.65 -29.58 -0.04
C LYS A 49 -9.30 -29.15 0.56
N GLN A 50 -9.23 -27.95 1.13
CA GLN A 50 -8.00 -27.40 1.79
C GLN A 50 -8.27 -25.95 2.26
N THR A 51 -7.22 -25.17 2.58
CA THR A 51 -7.32 -23.77 3.08
C THR A 51 -7.87 -22.85 1.98
N ALA A 54 -3.25 -20.37 5.99
CA ALA A 54 -2.09 -19.70 6.64
C ALA A 54 -2.60 -18.69 7.68
N SER A 55 -2.10 -18.75 8.92
CA SER A 55 -2.50 -17.85 10.04
C SER A 55 -1.25 -17.24 10.72
N SER A 56 -1.48 -16.23 11.55
CA SER A 56 -0.45 -15.30 12.11
C SER A 56 0.24 -15.88 13.36
N MET A 57 1.43 -16.47 13.13
CA MET A 57 2.37 -17.01 14.15
C MET A 57 3.03 -15.87 14.94
N VAL A 58 3.49 -16.17 16.16
CA VAL A 58 4.17 -15.18 17.04
C VAL A 58 5.68 -15.29 16.88
N ASN A 59 6.34 -14.13 16.81
CA ASN A 59 7.80 -13.97 16.83
C ASN A 59 8.28 -13.89 18.28
N GLY A 60 8.94 -14.95 18.76
CA GLY A 60 9.38 -15.08 20.17
C GLY A 60 10.58 -14.22 20.50
N VAL A 61 11.42 -13.92 19.53
CA VAL A 61 12.57 -13.03 19.83
C VAL A 61 11.94 -11.70 20.25
N VAL A 62 11.02 -11.13 19.47
CA VAL A 62 10.43 -9.79 19.77
C VAL A 62 9.60 -9.87 21.06
N ARG A 63 8.84 -10.95 21.27
CA ARG A 63 7.92 -11.06 22.44
C ARG A 63 8.76 -11.17 23.71
N LEU A 64 9.73 -12.06 23.77
CA LEU A 64 10.56 -12.21 24.99
C LEU A 64 11.17 -10.86 25.39
N LEU A 65 11.48 -9.98 24.43
CA LEU A 65 12.15 -8.68 24.71
C LEU A 65 11.13 -7.54 24.88
N THR A 66 9.83 -7.84 24.84
CA THR A 66 8.74 -6.85 25.11
C THR A 66 7.73 -7.46 26.10
N LYS A 67 8.21 -7.91 27.25
CA LYS A 67 7.38 -8.61 28.27
C LYS A 67 6.23 -7.74 28.79
N PRO A 68 6.40 -6.42 29.10
CA PRO A 68 5.32 -5.64 29.71
C PRO A 68 4.02 -5.70 28.90
N TRP A 69 4.16 -6.06 27.63
CA TRP A 69 3.03 -6.01 26.66
C TRP A 69 2.31 -7.36 26.64
N ASP A 70 2.86 -8.39 27.28
CA ASP A 70 2.17 -9.70 27.38
C ASP A 70 0.81 -9.52 28.05
N ILE A 71 0.54 -8.39 28.72
CA ILE A 71 -0.73 -8.16 29.49
C ILE A 71 -1.58 -7.04 28.87
N ILE A 72 -1.10 -6.28 27.88
CA ILE A 72 -1.92 -5.31 27.09
C ILE A 72 -2.74 -6.07 26.05
N PRO A 73 -4.09 -6.22 26.21
CA PRO A 73 -4.95 -6.85 25.20
C PRO A 73 -4.90 -6.31 23.76
N MET A 74 -4.80 -5.00 23.58
CA MET A 74 -4.65 -4.36 22.25
C MET A 74 -3.47 -5.00 21.51
N VAL A 75 -2.41 -5.38 22.25
CA VAL A 75 -1.21 -6.08 21.69
C VAL A 75 -1.51 -7.58 21.54
N THR A 76 -1.98 -8.25 22.59
CA THR A 76 -2.11 -9.73 22.66
C THR A 76 -3.14 -10.22 21.63
N GLN A 77 -4.25 -9.51 21.44
CA GLN A 77 -5.37 -9.89 20.54
C GLN A 77 -4.90 -9.88 19.07
N MET A 78 -3.97 -8.99 18.70
CA MET A 78 -3.56 -8.80 17.29
C MET A 78 -3.05 -10.11 16.72
N ALA A 79 -2.64 -11.07 17.57
CA ALA A 79 -1.99 -12.33 17.12
C ALA A 79 -2.98 -13.51 17.13
N MET A 80 -4.26 -13.30 17.49
CA MET A 80 -5.32 -14.35 17.49
C MET A 80 -6.20 -14.16 16.24
N THR A 81 -6.94 -15.21 15.85
CA THR A 81 -7.94 -15.21 14.76
C THR A 81 -7.55 -16.16 13.63
N PHE A 92 -15.62 -7.22 4.78
CA PHE A 92 -16.90 -7.89 4.43
C PHE A 92 -16.76 -8.55 3.05
N LYS A 93 -16.91 -9.89 2.95
CA LYS A 93 -17.10 -10.61 1.67
C LYS A 93 -18.55 -10.37 1.20
N GLU A 94 -19.32 -9.65 2.03
CA GLU A 94 -20.67 -9.08 1.74
C GLU A 94 -20.51 -7.57 1.47
N LYS A 95 -19.39 -7.19 0.85
CA LYS A 95 -19.13 -5.84 0.26
C LYS A 95 -18.52 -5.98 -1.14
N VAL A 96 -17.76 -7.05 -1.40
CA VAL A 96 -17.33 -7.47 -2.77
C VAL A 96 -18.59 -7.86 -3.56
N ASP A 97 -19.65 -8.28 -2.87
CA ASP A 97 -20.97 -8.64 -3.48
C ASP A 97 -21.95 -7.47 -3.24
N THR A 98 -21.58 -6.25 -3.62
CA THR A 98 -22.49 -5.08 -3.85
C THR A 98 -22.23 -4.54 -5.26
N ARG A 99 -23.19 -3.80 -5.84
CA ARG A 99 -23.13 -3.28 -7.24
C ARG A 99 -23.25 -1.75 -7.23
N THR A 100 -22.37 -1.05 -7.95
CA THR A 100 -22.33 0.44 -8.04
C THR A 100 -23.18 0.89 -9.24
N GLN A 101 -23.88 2.02 -9.11
CA GLN A 101 -24.83 2.57 -10.12
C GLN A 101 -24.05 3.44 -11.13
N GLU A 102 -24.25 3.22 -12.44
CA GLU A 102 -23.62 4.01 -13.53
C GLU A 102 -23.87 5.49 -13.24
N PRO A 103 -22.79 6.33 -13.21
CA PRO A 103 -22.93 7.76 -12.98
C PRO A 103 -23.84 8.50 -13.97
N LYS A 104 -24.29 9.71 -13.63
CA LYS A 104 -25.04 10.62 -14.54
C LYS A 104 -24.16 10.98 -15.75
N GLU A 105 -24.77 11.57 -16.79
CA GLU A 105 -24.09 12.01 -18.03
C GLU A 105 -23.14 13.18 -17.69
N GLY A 106 -23.50 14.02 -16.73
CA GLY A 106 -22.70 15.18 -16.27
C GLY A 106 -21.43 14.71 -15.57
N THR A 107 -21.55 13.68 -14.74
CA THR A 107 -20.42 13.08 -13.99
C THR A 107 -19.45 12.48 -15.00
N LYS A 108 -19.92 11.46 -15.75
CA LYS A 108 -19.18 10.68 -16.79
C LYS A 108 -18.37 11.60 -17.73
N LYS A 109 -18.85 12.81 -18.03
CA LYS A 109 -18.16 13.82 -18.88
C LYS A 109 -16.95 14.42 -18.13
N LEU A 110 -17.14 14.88 -16.88
CA LEU A 110 -16.09 15.47 -15.98
C LEU A 110 -14.94 14.46 -15.78
N MET A 111 -15.27 13.22 -15.44
CA MET A 111 -14.27 12.13 -15.27
C MET A 111 -13.43 11.99 -16.56
N LYS A 112 -14.09 11.79 -17.71
CA LYS A 112 -13.41 11.57 -19.02
C LYS A 112 -12.53 12.78 -19.37
N ILE A 113 -12.95 14.02 -19.11
CA ILE A 113 -12.14 15.25 -19.42
C ILE A 113 -10.90 15.29 -18.54
N THR A 114 -11.06 14.96 -17.24
CA THR A 114 -9.99 15.04 -16.21
C THR A 114 -8.94 13.96 -16.52
N ALA A 115 -9.38 12.71 -16.74
CA ALA A 115 -8.52 11.55 -17.09
C ALA A 115 -7.61 11.89 -18.28
N GLU A 116 -8.17 12.47 -19.34
CA GLU A 116 -7.39 12.96 -20.53
C GLU A 116 -6.30 13.91 -20.04
N TRP A 117 -6.68 15.05 -19.45
CA TRP A 117 -5.74 16.10 -18.99
C TRP A 117 -4.69 15.48 -18.04
N LEU A 118 -5.13 14.62 -17.12
CA LEU A 118 -4.22 14.00 -16.12
C LEU A 118 -3.19 13.15 -16.86
N TRP A 119 -3.63 12.14 -17.60
CA TRP A 119 -2.75 11.22 -18.37
C TRP A 119 -1.70 12.01 -19.16
N LYS A 120 -2.13 13.03 -19.91
CA LYS A 120 -1.23 13.90 -20.71
C LYS A 120 -0.20 14.52 -19.75
N GLU A 121 -0.65 15.04 -18.61
CA GLU A 121 0.27 15.65 -17.61
C GLU A 121 1.27 14.63 -17.09
N LEU A 122 0.83 13.41 -16.79
CA LEU A 122 1.72 12.36 -16.25
C LEU A 122 2.74 12.01 -17.33
N GLY A 123 2.35 12.08 -18.61
CA GLY A 123 3.19 11.69 -19.76
C GLY A 123 4.03 12.81 -20.35
N LYS A 124 3.78 14.08 -19.98
CA LYS A 124 4.53 15.25 -20.52
C LYS A 124 6.04 15.00 -20.46
N LYS A 125 6.53 14.32 -19.42
CA LYS A 125 7.99 14.02 -19.24
C LYS A 125 8.21 12.52 -18.98
N LYS A 126 7.39 11.66 -19.58
CA LYS A 126 7.53 10.18 -19.45
C LYS A 126 7.21 9.52 -20.80
N THR A 127 7.79 8.34 -21.02
CA THR A 127 7.64 7.50 -22.23
C THR A 127 7.13 6.13 -21.79
N PRO A 128 5.84 5.80 -22.03
CA PRO A 128 5.36 4.43 -21.84
C PRO A 128 6.31 3.44 -22.53
N ARG A 129 6.48 2.26 -21.95
CA ARG A 129 7.38 1.25 -22.55
C ARG A 129 7.13 -0.10 -21.88
N MET A 130 7.27 -1.18 -22.65
CA MET A 130 7.05 -2.56 -22.14
C MET A 130 8.18 -2.85 -21.16
N CYS A 131 7.85 -3.43 -20.01
CA CYS A 131 8.84 -4.07 -19.12
C CYS A 131 9.22 -5.44 -19.73
N THR A 132 10.35 -6.01 -19.29
CA THR A 132 11.03 -7.13 -19.99
C THR A 132 11.01 -8.39 -19.13
N ARG A 133 11.35 -9.54 -19.71
CA ARG A 133 11.53 -10.81 -18.95
C ARG A 133 12.71 -10.64 -17.98
N GLU A 134 13.80 -10.02 -18.41
CA GLU A 134 15.03 -9.79 -17.58
C GLU A 134 14.61 -9.09 -16.28
N GLU A 135 13.87 -7.97 -16.39
CA GLU A 135 13.35 -7.19 -15.22
C GLU A 135 12.45 -8.05 -14.33
N PHE A 136 11.62 -8.90 -14.93
CA PHE A 136 10.64 -9.76 -14.21
C PHE A 136 11.38 -10.77 -13.34
N THR A 137 12.36 -11.44 -13.95
CA THR A 137 13.26 -12.44 -13.32
C THR A 137 13.98 -11.79 -12.12
N ARG A 138 14.44 -10.56 -12.27
CA ARG A 138 15.24 -9.89 -11.21
C ARG A 138 14.31 -9.52 -10.07
N LYS A 139 13.03 -9.27 -10.36
CA LYS A 139 12.02 -9.05 -9.30
C LYS A 139 11.93 -10.33 -8.46
N VAL A 140 11.71 -11.47 -9.11
CA VAL A 140 11.39 -12.75 -8.40
C VAL A 140 12.62 -13.20 -7.59
N ARG A 141 13.83 -12.98 -8.11
CA ARG A 141 15.11 -13.37 -7.45
C ARG A 141 15.49 -12.33 -6.38
N SER A 142 14.51 -11.71 -5.71
CA SER A 142 14.70 -10.85 -4.52
C SER A 142 13.33 -10.46 -3.92
N ASN A 143 12.51 -11.47 -3.61
CA ASN A 143 11.26 -11.41 -2.80
C ASN A 143 10.60 -10.04 -2.87
N ALA A 144 9.78 -9.81 -3.90
CA ALA A 144 8.78 -8.72 -3.99
C ALA A 144 7.42 -9.37 -4.28
N ALA A 145 6.51 -9.39 -3.29
CA ALA A 145 5.20 -10.08 -3.39
C ALA A 145 4.51 -9.70 -4.71
N LEU A 146 4.60 -10.57 -5.72
CA LEU A 146 3.98 -10.36 -7.07
C LEU A 146 2.64 -11.10 -7.17
N GLY A 147 2.26 -11.84 -6.12
CA GLY A 147 0.97 -12.56 -6.02
C GLY A 147 0.83 -13.65 -7.08
N ALA A 148 1.50 -14.79 -6.88
CA ALA A 148 1.46 -15.98 -7.76
C ALA A 148 0.77 -17.15 -7.03
N ILE A 149 0.71 -18.33 -7.67
CA ILE A 149 0.20 -19.61 -7.07
C ILE A 149 1.29 -20.67 -7.15
N PHE A 150 1.31 -21.60 -6.18
CA PHE A 150 2.29 -22.71 -6.04
C PHE A 150 1.73 -23.99 -6.68
N ASN A 154 -0.80 -26.49 -10.36
CA ASN A 154 0.66 -26.45 -10.05
C ASN A 154 1.40 -27.37 -11.04
N LYS A 155 2.48 -26.86 -11.63
CA LYS A 155 3.35 -27.57 -12.61
C LYS A 155 4.83 -27.43 -12.19
N TRP A 156 5.19 -26.40 -11.40
CA TRP A 156 6.55 -26.16 -10.82
C TRP A 156 6.49 -26.27 -9.28
N LYS A 157 7.01 -25.29 -8.53
CA LYS A 157 6.86 -25.16 -7.05
C LYS A 157 6.81 -23.68 -6.66
N SER A 158 7.98 -23.02 -6.55
CA SER A 158 8.13 -21.60 -6.14
C SER A 158 8.23 -20.71 -7.39
N ALA A 159 8.29 -19.39 -7.18
CA ALA A 159 8.41 -18.38 -8.25
C ALA A 159 9.76 -18.56 -8.96
N ARG A 160 10.83 -18.57 -8.18
CA ARG A 160 12.24 -18.70 -8.63
C ARG A 160 12.30 -19.78 -9.73
N GLU A 161 11.91 -21.02 -9.42
CA GLU A 161 12.08 -22.22 -10.29
C GLU A 161 11.53 -21.99 -11.70
N ALA A 162 10.28 -21.51 -11.81
CA ALA A 162 9.49 -21.46 -13.06
C ALA A 162 10.12 -20.49 -14.07
N VAL A 163 10.80 -19.46 -13.56
CA VAL A 163 11.41 -18.37 -14.36
C VAL A 163 12.63 -18.91 -15.08
N GLU A 164 13.32 -19.89 -14.48
CA GLU A 164 14.61 -20.47 -14.96
C GLU A 164 14.32 -21.56 -16.01
N ASP A 165 13.07 -22.03 -16.10
CA ASP A 165 12.59 -23.06 -17.06
C ASP A 165 12.16 -22.36 -18.35
N SER A 166 12.38 -23.00 -19.50
CA SER A 166 12.10 -22.44 -20.85
C SER A 166 10.67 -22.80 -21.28
N GLY A 167 10.14 -23.94 -20.80
CA GLY A 167 8.78 -24.43 -21.13
C GLY A 167 7.74 -23.40 -20.75
N PHE A 168 7.80 -22.93 -19.51
CA PHE A 168 7.03 -21.78 -18.94
C PHE A 168 6.82 -20.72 -20.02
N TRP A 169 7.92 -20.16 -20.54
CA TRP A 169 7.91 -19.01 -21.46
C TRP A 169 7.25 -19.40 -22.80
N GLU A 170 7.20 -20.69 -23.13
CA GLU A 170 6.44 -21.21 -24.30
C GLU A 170 4.94 -21.09 -24.01
N LEU A 171 4.52 -21.33 -22.76
CA LEU A 171 3.11 -21.17 -22.32
C LEU A 171 2.78 -19.66 -22.29
N VAL A 172 3.65 -18.89 -21.63
CA VAL A 172 3.60 -17.40 -21.58
C VAL A 172 3.51 -16.85 -23.01
N ASP A 173 4.25 -17.44 -23.96
CA ASP A 173 4.29 -16.95 -25.37
C ASP A 173 2.95 -17.25 -26.04
N LYS A 174 2.41 -18.46 -25.85
CA LYS A 174 1.10 -18.86 -26.44
C LYS A 174 0.10 -17.76 -26.11
N GLU A 175 -0.08 -17.51 -24.80
CA GLU A 175 -1.07 -16.55 -24.25
C GLU A 175 -0.74 -15.15 -24.80
N ARG A 176 0.54 -14.80 -24.90
CA ARG A 176 0.95 -13.45 -25.36
C ARG A 176 0.44 -13.22 -26.78
N ASN A 177 0.53 -14.23 -27.66
CA ASN A 177 0.13 -14.14 -29.10
C ASN A 177 -1.39 -14.19 -29.19
N LEU A 178 -2.03 -14.99 -28.32
CA LEU A 178 -3.50 -15.01 -28.07
C LEU A 178 -4.01 -13.61 -27.79
N HIS A 179 -3.35 -12.89 -26.87
CA HIS A 179 -3.68 -11.50 -26.45
C HIS A 179 -3.58 -10.55 -27.66
N LEU A 180 -2.62 -10.78 -28.55
CA LEU A 180 -2.38 -9.93 -29.76
C LEU A 180 -3.57 -10.05 -30.73
N GLU A 181 -4.37 -11.11 -30.57
CA GLU A 181 -5.59 -11.40 -31.41
C GLU A 181 -6.88 -10.95 -30.70
N GLY A 182 -6.81 -10.65 -29.40
CA GLY A 182 -7.94 -10.12 -28.60
C GLY A 182 -8.71 -11.23 -27.90
N LYS A 183 -8.05 -12.36 -27.61
CA LYS A 183 -8.60 -13.54 -26.89
C LYS A 183 -7.68 -13.91 -25.73
N CYS A 184 -8.21 -14.60 -24.71
CA CYS A 184 -7.55 -14.93 -23.42
C CYS A 184 -7.86 -16.39 -23.04
N GLU A 185 -7.05 -17.03 -22.19
CA GLU A 185 -7.15 -18.49 -21.93
C GLU A 185 -6.84 -18.83 -20.46
N THR A 186 -5.66 -18.44 -19.93
CA THR A 186 -5.14 -18.94 -18.63
C THR A 186 -5.11 -17.83 -17.58
N CYS A 187 -5.70 -16.66 -17.89
CA CYS A 187 -5.68 -15.43 -17.05
C CYS A 187 -6.94 -15.33 -16.18
N VAL A 188 -6.96 -16.07 -15.06
CA VAL A 188 -8.13 -16.25 -14.15
C VAL A 188 -7.71 -15.85 -12.74
N TYR A 189 -8.57 -15.11 -12.04
CA TYR A 189 -8.31 -14.57 -10.68
C TYR A 189 -8.66 -15.62 -9.61
N ASN A 190 -8.00 -15.56 -8.45
CA ASN A 190 -8.24 -16.44 -7.27
C ASN A 190 -8.43 -15.58 -6.01
N MET A 191 -9.68 -15.34 -5.61
CA MET A 191 -10.04 -14.59 -4.38
C MET A 191 -9.58 -15.41 -3.16
N MET A 192 -9.17 -14.72 -2.07
CA MET A 192 -8.76 -15.34 -0.77
C MET A 192 -8.66 -14.23 0.29
N SER A 208 -11.76 -5.60 5.71
CA SER A 208 -11.83 -4.82 4.45
C SER A 208 -10.53 -5.00 3.65
N ARG A 209 -10.21 -6.25 3.30
CA ARG A 209 -9.13 -6.66 2.37
C ARG A 209 -9.62 -7.87 1.57
N ALA A 210 -9.27 -7.98 0.29
CA ALA A 210 -9.65 -9.11 -0.61
C ALA A 210 -8.52 -9.34 -1.63
N ILE A 211 -7.70 -10.37 -1.42
CA ILE A 211 -6.43 -10.62 -2.18
C ILE A 211 -6.75 -11.52 -3.37
N TRP A 212 -6.34 -11.11 -4.59
CA TRP A 212 -6.72 -11.72 -5.88
C TRP A 212 -5.47 -12.25 -6.60
N TYR A 213 -4.92 -13.37 -6.11
CA TYR A 213 -3.74 -14.09 -6.66
C TYR A 213 -4.03 -14.60 -8.08
N MET A 214 -3.09 -14.37 -9.01
CA MET A 214 -3.12 -14.91 -10.40
C MET A 214 -1.97 -15.91 -10.56
N TRP A 215 -1.99 -16.73 -11.61
CA TRP A 215 -0.86 -17.64 -11.94
C TRP A 215 0.25 -16.81 -12.59
N LEU A 216 1.50 -17.20 -12.34
CA LEU A 216 2.71 -16.36 -12.49
C LEU A 216 2.81 -15.75 -13.90
N GLY A 217 2.32 -16.46 -14.92
CA GLY A 217 2.40 -16.05 -16.33
C GLY A 217 1.66 -14.75 -16.59
N ALA A 218 0.34 -14.74 -16.34
CA ALA A 218 -0.56 -13.57 -16.50
C ALA A 218 0.00 -12.39 -15.70
N ARG A 219 0.60 -12.66 -14.54
CA ARG A 219 1.37 -11.65 -13.75
C ARG A 219 2.42 -10.99 -14.64
N PHE A 220 3.28 -11.80 -15.28
CA PHE A 220 4.33 -11.30 -16.20
C PHE A 220 3.71 -10.31 -17.19
N LEU A 221 2.69 -10.78 -17.92
CA LEU A 221 2.03 -10.06 -19.06
C LEU A 221 1.35 -8.78 -18.57
N GLU A 222 0.75 -8.83 -17.38
CA GLU A 222 0.22 -7.63 -16.68
C GLU A 222 1.40 -6.66 -16.44
N PHE A 223 2.53 -7.20 -15.96
CA PHE A 223 3.78 -6.44 -15.66
C PHE A 223 4.37 -5.88 -16.95
N GLU A 224 4.48 -6.70 -17.97
CA GLU A 224 5.09 -6.29 -19.26
C GLU A 224 4.38 -5.02 -19.75
N ALA A 225 3.05 -5.01 -19.73
CA ALA A 225 2.24 -3.94 -20.35
C ALA A 225 2.16 -2.71 -19.45
N LEU A 226 1.96 -2.88 -18.13
CA LEU A 226 1.60 -1.77 -17.21
C LEU A 226 2.65 -1.55 -16.12
N GLY A 227 3.60 -2.45 -15.96
CA GLY A 227 4.69 -2.31 -14.97
C GLY A 227 5.32 -0.94 -15.03
N PHE A 228 5.32 -0.28 -16.18
CA PHE A 228 6.14 0.95 -16.38
C PHE A 228 5.68 2.03 -15.37
N LEU A 229 4.37 2.12 -15.14
CA LEU A 229 3.67 3.05 -14.20
C LEU A 229 4.42 3.07 -12.86
N ASN A 230 4.67 1.88 -12.33
CA ASN A 230 5.47 1.68 -11.10
C ASN A 230 6.96 1.90 -11.41
N GLU A 231 7.51 1.19 -12.39
CA GLU A 231 8.99 1.01 -12.58
C GLU A 231 9.65 2.35 -12.92
N ASP A 232 8.95 3.24 -13.64
CA ASP A 232 9.49 4.56 -14.06
C ASP A 232 8.71 5.68 -13.35
N HIS A 233 8.06 5.33 -12.25
CA HIS A 233 7.67 6.27 -11.18
C HIS A 233 6.72 7.32 -11.77
N TRP A 234 5.63 6.89 -12.38
CA TRP A 234 4.63 7.81 -13.00
C TRP A 234 3.96 8.67 -11.92
N PHE A 235 3.87 8.15 -10.69
CA PHE A 235 3.19 8.81 -9.54
C PHE A 235 4.19 9.26 -8.47
N SER A 236 5.46 9.49 -8.82
CA SER A 236 6.41 10.23 -7.95
C SER A 236 5.80 11.60 -7.67
N ARG A 237 6.27 12.31 -6.66
CA ARG A 237 5.73 13.66 -6.40
C ARG A 237 6.32 14.64 -7.43
N GLU A 238 7.60 14.55 -7.75
CA GLU A 238 8.23 15.34 -8.85
C GLU A 238 7.30 15.30 -10.08
N ASN A 239 6.83 14.11 -10.47
CA ASN A 239 6.14 13.89 -11.76
C ASN A 239 4.63 14.13 -11.70
N SER A 240 3.94 13.61 -10.67
CA SER A 240 2.45 13.61 -10.55
C SER A 240 1.95 14.72 -9.63
N LEU A 241 2.82 15.39 -8.85
CA LEU A 241 2.50 16.61 -8.04
C LEU A 241 1.61 16.27 -6.82
N SER A 242 0.63 15.38 -6.97
CA SER A 242 -0.25 14.88 -5.87
C SER A 242 0.35 13.61 -5.24
N GLY A 243 1.12 12.83 -6.00
CA GLY A 243 1.53 11.48 -5.62
C GLY A 243 2.67 11.47 -4.61
N VAL A 244 2.96 10.30 -4.03
CA VAL A 244 4.05 10.12 -3.05
C VAL A 244 4.76 8.77 -3.28
N GLU A 245 4.51 8.04 -4.37
CA GLU A 245 5.25 6.79 -4.66
C GLU A 245 6.75 7.06 -4.44
N GLY A 246 7.40 6.14 -3.71
CA GLY A 246 8.85 6.12 -3.49
C GLY A 246 9.29 7.10 -2.43
N GLU A 247 8.32 7.70 -1.72
CA GLU A 247 8.59 8.85 -0.82
C GLU A 247 9.15 8.29 0.47
N GLY A 248 8.44 7.37 1.12
CA GLY A 248 8.98 6.78 2.36
C GLY A 248 8.60 7.59 3.57
N LEU A 249 8.39 6.90 4.69
N LEU A 249 8.33 6.90 4.68
CA LEU A 249 7.69 7.36 5.91
CA LEU A 249 7.67 7.40 5.92
C LEU A 249 8.38 8.56 6.56
C LEU A 249 8.34 8.67 6.45
N HIS A 250 9.65 8.84 6.23
CA HIS A 250 10.41 9.99 6.77
C HIS A 250 10.25 11.26 5.90
N LYS A 251 9.47 11.18 4.82
CA LYS A 251 9.20 12.34 3.93
C LYS A 251 7.72 12.70 4.08
N LEU A 252 6.82 11.72 4.21
CA LEU A 252 5.35 11.97 4.22
C LEU A 252 5.00 13.13 5.14
N GLY A 253 5.57 13.16 6.34
CA GLY A 253 5.34 14.22 7.34
C GLY A 253 5.72 15.58 6.79
N TYR A 254 6.90 15.70 6.20
CA TYR A 254 7.40 16.96 5.60
C TYR A 254 6.48 17.38 4.45
N ILE A 255 5.96 16.41 3.72
CA ILE A 255 5.08 16.69 2.55
C ILE A 255 3.78 17.32 3.07
N LEU A 256 3.12 16.74 4.08
CA LEU A 256 1.85 17.32 4.62
C LEU A 256 2.14 18.75 5.11
N ARG A 257 3.25 18.97 5.80
CA ARG A 257 3.61 20.30 6.38
C ARG A 257 3.75 21.29 5.23
N ASP A 258 4.35 20.89 4.09
CA ASP A 258 4.47 21.75 2.87
C ASP A 258 3.06 22.06 2.37
N VAL A 259 2.23 21.03 2.25
CA VAL A 259 0.82 21.21 1.84
C VAL A 259 0.20 22.24 2.76
N SER A 260 0.31 22.07 4.08
CA SER A 260 -0.30 22.99 5.07
C SER A 260 0.05 24.45 4.74
N LYS A 261 1.22 24.70 4.15
CA LYS A 261 1.78 26.06 3.93
C LYS A 261 1.00 26.84 2.90
N LYS A 262 0.24 26.16 2.04
CA LYS A 262 -0.62 26.81 1.00
C LYS A 262 -1.74 27.55 1.73
N GLU A 263 -2.11 28.73 1.20
CA GLU A 263 -3.33 29.46 1.62
C GLU A 263 -4.51 28.55 1.30
N GLY A 264 -5.47 28.40 2.21
CA GLY A 264 -6.68 27.61 1.94
C GLY A 264 -7.48 27.26 3.18
N GLY A 265 -8.32 26.23 3.08
CA GLY A 265 -9.17 25.79 4.18
C GLY A 265 -8.48 24.73 5.02
N ALA A 266 -9.30 24.05 5.82
CA ALA A 266 -8.92 22.87 6.63
C ALA A 266 -8.25 21.87 5.68
N MET A 267 -7.46 20.95 6.23
CA MET A 267 -6.98 19.75 5.50
C MET A 267 -8.06 18.68 5.70
N TYR A 268 -8.59 18.15 4.61
CA TYR A 268 -9.58 17.05 4.59
C TYR A 268 -8.85 15.75 4.25
N ALA A 269 -9.26 14.68 4.92
CA ALA A 269 -8.68 13.33 4.75
C ALA A 269 -9.80 12.30 4.85
N ASP A 270 -10.73 12.31 3.90
CA ASP A 270 -11.90 11.39 3.95
C ASP A 270 -11.41 10.03 3.46
N ASP A 271 -11.62 8.99 4.27
CA ASP A 271 -11.48 7.57 3.90
C ASP A 271 -12.71 7.18 3.06
N THR A 272 -12.49 6.56 1.90
CA THR A 272 -13.55 5.93 1.08
C THR A 272 -13.84 4.53 1.64
N ALA A 273 -15.11 4.17 1.66
CA ALA A 273 -15.64 2.87 2.14
C ALA A 273 -15.47 1.79 1.05
N GLY A 274 -14.42 0.97 1.15
CA GLY A 274 -14.17 -0.20 0.27
C GLY A 274 -13.82 0.20 -1.16
N TRP A 275 -12.88 1.14 -1.33
CA TRP A 275 -12.46 1.78 -2.61
C TRP A 275 -12.37 0.81 -3.79
N ASP A 276 -11.74 -0.37 -3.61
CA ASP A 276 -11.54 -1.37 -4.70
C ASP A 276 -12.90 -1.78 -5.25
N THR A 277 -13.92 -1.91 -4.39
CA THR A 277 -15.30 -2.36 -4.75
C THR A 277 -16.09 -1.23 -5.43
N ARG A 278 -15.70 0.04 -5.27
CA ARG A 278 -16.41 1.23 -5.80
C ARG A 278 -15.78 1.68 -7.11
N ILE A 279 -14.87 0.90 -7.70
CA ILE A 279 -14.30 1.19 -9.05
C ILE A 279 -15.33 0.76 -10.09
N THR A 280 -15.90 1.77 -10.77
CA THR A 280 -16.98 1.65 -11.77
C THR A 280 -16.36 1.36 -13.15
N LEU A 281 -17.14 0.82 -14.08
CA LEU A 281 -16.69 0.48 -15.46
C LEU A 281 -16.15 1.72 -16.17
N GLU A 282 -16.67 2.90 -15.82
CA GLU A 282 -16.25 4.21 -16.41
C GLU A 282 -14.84 4.57 -15.90
N ASP A 283 -14.54 4.18 -14.65
CA ASP A 283 -13.19 4.31 -14.04
C ASP A 283 -12.21 3.45 -14.86
N LEU A 284 -12.46 2.13 -14.95
CA LEU A 284 -11.65 1.15 -15.72
C LEU A 284 -11.38 1.64 -17.16
N LYS A 285 -12.35 2.34 -17.77
CA LYS A 285 -12.28 2.89 -19.15
C LYS A 285 -11.41 4.16 -19.17
N ASN A 286 -11.50 5.01 -18.15
CA ASN A 286 -10.70 6.26 -18.09
C ASN A 286 -9.23 5.88 -17.83
N GLU A 287 -9.00 4.84 -17.03
CA GLU A 287 -7.64 4.32 -16.77
C GLU A 287 -7.00 3.80 -18.07
N GLU A 288 -7.79 3.06 -18.86
N GLU A 288 -7.78 3.06 -18.88
CA GLU A 288 -7.40 2.47 -20.18
CA GLU A 288 -7.35 2.48 -20.18
C GLU A 288 -6.88 3.57 -21.13
C GLU A 288 -6.87 3.57 -21.14
N MET A 289 -7.34 4.82 -20.97
CA MET A 289 -6.91 5.95 -21.83
C MET A 289 -5.40 6.18 -21.70
N VAL A 290 -4.71 5.49 -20.79
CA VAL A 290 -3.22 5.50 -20.79
C VAL A 290 -2.74 4.99 -22.17
N THR A 291 -3.44 4.03 -22.80
CA THR A 291 -3.01 3.37 -24.08
C THR A 291 -2.95 4.37 -25.24
N ASN A 292 -3.70 5.47 -25.19
CA ASN A 292 -3.66 6.54 -26.24
C ASN A 292 -2.25 7.17 -26.28
N HIS A 293 -1.36 6.76 -25.38
CA HIS A 293 0.00 7.34 -25.24
C HIS A 293 1.06 6.36 -25.79
N MET A 294 0.63 5.17 -26.20
CA MET A 294 1.47 4.00 -26.55
C MET A 294 1.55 3.82 -28.07
N GLU A 295 2.17 2.74 -28.52
CA GLU A 295 2.32 2.39 -29.96
C GLU A 295 2.74 0.92 -30.10
N GLY A 296 2.69 0.41 -31.33
CA GLY A 296 3.15 -0.93 -31.72
C GLY A 296 2.66 -2.04 -30.80
N GLU A 297 3.47 -3.09 -30.66
CA GLU A 297 3.22 -4.28 -29.82
C GLU A 297 2.57 -3.83 -28.50
N HIS A 298 3.15 -2.80 -27.86
CA HIS A 298 2.75 -2.29 -26.52
C HIS A 298 1.26 -1.91 -26.55
N LYS A 299 0.90 -0.86 -27.28
CA LYS A 299 -0.47 -0.31 -27.34
C LYS A 299 -1.46 -1.49 -27.32
N LYS A 300 -1.18 -2.56 -28.08
CA LYS A 300 -2.08 -3.74 -28.25
C LYS A 300 -2.12 -4.55 -26.95
N LEU A 301 -0.95 -4.90 -26.42
CA LEU A 301 -0.82 -5.72 -25.19
C LEU A 301 -1.47 -4.96 -24.01
N ALA A 302 -1.18 -3.66 -23.84
CA ALA A 302 -1.81 -2.81 -22.80
C ALA A 302 -3.33 -2.93 -22.95
N GLU A 303 -3.82 -2.59 -24.15
CA GLU A 303 -5.24 -2.68 -24.57
C GLU A 303 -5.84 -4.05 -24.24
N ALA A 304 -5.06 -5.11 -24.38
CA ALA A 304 -5.51 -6.49 -24.12
C ALA A 304 -5.80 -6.67 -22.62
N ILE A 305 -4.78 -6.42 -21.80
CA ILE A 305 -4.87 -6.53 -20.32
C ILE A 305 -6.13 -5.79 -19.86
N PHE A 306 -6.28 -4.50 -20.20
CA PHE A 306 -7.46 -3.68 -19.82
C PHE A 306 -8.75 -4.36 -20.32
N LYS A 307 -8.82 -4.71 -21.60
CA LYS A 307 -10.04 -5.30 -22.27
C LYS A 307 -10.45 -6.60 -21.58
N LEU A 308 -9.48 -7.48 -21.31
CA LEU A 308 -9.72 -8.93 -21.17
C LEU A 308 -9.57 -9.38 -19.71
N THR A 309 -8.84 -8.64 -18.88
CA THR A 309 -8.54 -9.03 -17.47
C THR A 309 -9.10 -7.99 -16.48
N TYR A 310 -9.24 -6.73 -16.88
CA TYR A 310 -9.61 -5.59 -15.98
C TYR A 310 -11.12 -5.27 -16.20
N GLN A 311 -11.54 -5.07 -17.46
CA GLN A 311 -12.94 -4.68 -17.84
C GLN A 311 -13.79 -5.93 -18.13
N ASN A 312 -13.19 -7.13 -18.05
CA ASN A 312 -13.86 -8.47 -18.02
C ASN A 312 -13.05 -9.38 -17.08
N LYS A 313 -13.70 -10.12 -16.20
CA LYS A 313 -12.98 -10.85 -15.12
C LYS A 313 -13.51 -12.27 -15.02
N VAL A 314 -12.68 -13.18 -14.50
CA VAL A 314 -13.04 -14.58 -14.16
C VAL A 314 -12.21 -14.95 -12.93
N VAL A 315 -12.84 -15.63 -11.99
CA VAL A 315 -12.35 -15.71 -10.58
C VAL A 315 -12.75 -17.07 -10.03
N ARG A 316 -11.96 -17.63 -9.11
CA ARG A 316 -12.20 -18.95 -8.48
C ARG A 316 -12.12 -18.83 -6.95
N VAL A 317 -13.27 -19.02 -6.28
CA VAL A 317 -13.51 -18.79 -4.82
C VAL A 317 -13.82 -20.12 -4.14
N GLN A 318 -13.42 -20.30 -2.88
CA GLN A 318 -13.74 -21.48 -2.03
C GLN A 318 -15.15 -21.32 -1.42
N ARG A 319 -15.70 -22.43 -0.89
CA ARG A 319 -17.06 -22.48 -0.28
C ARG A 319 -17.22 -23.79 0.49
N PRO A 320 -17.41 -23.76 1.85
CA PRO A 320 -17.50 -24.97 2.67
C PRO A 320 -18.56 -26.04 2.32
N THR A 321 -19.74 -25.62 1.85
CA THR A 321 -20.91 -26.51 1.54
C THR A 321 -20.48 -27.56 0.51
N THR A 325 -16.58 -28.90 0.39
CA THR A 325 -15.87 -27.68 -0.10
C THR A 325 -15.73 -27.76 -1.64
N VAL A 326 -15.99 -26.63 -2.33
CA VAL A 326 -16.02 -26.52 -3.83
C VAL A 326 -15.23 -25.27 -4.27
N MET A 327 -15.21 -25.00 -5.58
CA MET A 327 -14.57 -23.80 -6.21
C MET A 327 -15.51 -23.23 -7.27
N ASP A 328 -16.22 -22.15 -6.93
CA ASP A 328 -17.21 -21.45 -7.79
C ASP A 328 -16.48 -20.55 -8.80
N ILE A 329 -16.88 -20.58 -10.06
CA ILE A 329 -16.23 -19.84 -11.16
C ILE A 329 -17.17 -18.71 -11.60
N ILE A 330 -16.78 -17.47 -11.30
CA ILE A 330 -17.68 -16.29 -11.38
C ILE A 330 -16.99 -15.19 -12.21
N SER A 331 -17.77 -14.48 -13.04
CA SER A 331 -17.36 -13.31 -13.84
C SER A 331 -18.01 -12.04 -13.29
N ARG A 332 -17.35 -10.89 -13.39
CA ARG A 332 -18.01 -9.56 -13.34
C ARG A 332 -17.20 -8.59 -14.19
N ARG A 333 -17.83 -7.49 -14.62
CA ARG A 333 -17.25 -6.56 -15.62
C ARG A 333 -16.42 -5.46 -14.93
N ASP A 334 -16.76 -5.09 -13.68
CA ASP A 334 -16.21 -3.87 -12.99
C ASP A 334 -15.47 -4.28 -11.71
N GLN A 335 -15.12 -3.30 -10.85
CA GLN A 335 -14.36 -3.43 -9.57
C GLN A 335 -12.86 -3.57 -9.83
N ARG A 336 -12.05 -3.45 -8.77
CA ARG A 336 -10.59 -3.68 -8.85
C ARG A 336 -10.25 -5.12 -8.48
N GLY A 337 -9.29 -5.65 -9.23
CA GLY A 337 -8.81 -7.04 -9.22
C GLY A 337 -7.68 -7.14 -10.23
N SER A 338 -6.49 -6.73 -9.81
CA SER A 338 -5.29 -6.56 -10.66
C SER A 338 -4.08 -7.08 -9.89
N GLY A 339 -2.90 -6.58 -10.25
CA GLY A 339 -1.65 -6.75 -9.48
C GLY A 339 -1.59 -5.72 -8.39
N GLN A 340 -1.34 -6.17 -7.16
CA GLN A 340 -1.26 -5.31 -5.94
C GLN A 340 -0.53 -4.00 -6.28
N VAL A 341 0.48 -4.03 -7.16
CA VAL A 341 1.27 -2.82 -7.56
C VAL A 341 0.43 -1.97 -8.55
N VAL A 342 0.08 -2.49 -9.73
CA VAL A 342 -0.70 -1.73 -10.75
C VAL A 342 -1.95 -1.13 -10.09
N THR A 343 -2.64 -1.90 -9.26
CA THR A 343 -3.76 -1.44 -8.41
C THR A 343 -3.41 -0.11 -7.72
N TYR A 344 -2.27 -0.06 -7.03
CA TYR A 344 -1.78 1.16 -6.35
C TYR A 344 -1.73 2.32 -7.35
N GLY A 345 -1.11 2.11 -8.51
CA GLY A 345 -0.90 3.21 -9.45
C GLY A 345 -2.21 3.72 -10.03
N LEU A 346 -3.13 2.82 -10.33
CA LEU A 346 -4.42 3.17 -10.97
C LEU A 346 -5.37 3.73 -9.91
N ASN A 347 -5.32 3.18 -8.69
CA ASN A 347 -6.06 3.77 -7.54
C ASN A 347 -5.60 5.23 -7.40
N THR A 348 -4.30 5.46 -7.34
CA THR A 348 -3.77 6.84 -7.16
C THR A 348 -4.33 7.74 -8.26
N PHE A 349 -4.38 7.24 -9.50
CA PHE A 349 -4.73 8.00 -10.72
C PHE A 349 -6.20 8.42 -10.63
N THR A 350 -7.07 7.46 -10.30
CA THR A 350 -8.53 7.66 -10.32
C THR A 350 -8.92 8.55 -9.13
N ASN A 351 -8.21 8.37 -8.01
CA ASN A 351 -8.39 9.16 -6.76
C ASN A 351 -7.95 10.60 -7.03
N MET A 352 -6.80 10.77 -7.67
CA MET A 352 -6.32 12.11 -8.10
C MET A 352 -7.45 12.80 -8.87
N GLU A 353 -8.13 12.04 -9.72
CA GLU A 353 -9.15 12.53 -10.68
C GLU A 353 -10.38 12.96 -9.88
N ALA A 354 -10.91 12.06 -9.05
CA ALA A 354 -12.09 12.31 -8.18
C ALA A 354 -11.89 13.62 -7.38
N GLN A 355 -10.70 13.79 -6.83
CA GLN A 355 -10.42 14.87 -5.86
C GLN A 355 -10.27 16.21 -6.59
N LEU A 356 -9.68 16.26 -7.80
CA LEU A 356 -9.70 17.46 -8.68
C LEU A 356 -11.14 17.87 -9.00
N ILE A 357 -11.99 16.89 -9.27
CA ILE A 357 -13.42 17.10 -9.62
C ILE A 357 -14.14 17.62 -8.37
N ARG A 358 -14.05 16.92 -7.25
CA ARG A 358 -14.70 17.38 -5.99
C ARG A 358 -14.21 18.78 -5.64
N GLN A 359 -12.93 19.07 -5.90
CA GLN A 359 -12.38 20.44 -5.75
C GLN A 359 -13.18 21.34 -6.68
N MET A 360 -13.37 20.92 -7.95
CA MET A 360 -14.07 21.75 -8.97
C MET A 360 -15.45 22.17 -8.42
N GLU A 361 -16.21 21.22 -7.86
CA GLU A 361 -17.58 21.39 -7.35
C GLU A 361 -17.54 22.40 -6.20
N GLY A 362 -16.53 22.30 -5.35
CA GLY A 362 -16.29 23.30 -4.30
C GLY A 362 -16.05 24.69 -4.89
N GLU A 363 -15.25 24.80 -5.95
CA GLU A 363 -14.84 26.11 -6.51
C GLU A 363 -15.96 26.63 -7.41
N GLY A 364 -17.03 25.84 -7.58
CA GLY A 364 -18.19 26.19 -8.41
C GLY A 364 -17.83 26.29 -9.89
N VAL A 365 -16.98 25.38 -10.39
CA VAL A 365 -16.59 25.31 -11.83
C VAL A 365 -17.80 24.79 -12.62
N PHE A 366 -18.48 23.79 -12.07
CA PHE A 366 -19.75 23.26 -12.63
C PHE A 366 -20.88 23.38 -11.58
N LYS A 367 -22.11 23.37 -12.08
CA LYS A 367 -23.35 23.71 -11.33
C LYS A 367 -24.02 22.38 -10.94
N SER A 368 -24.20 21.47 -11.89
CA SER A 368 -24.87 20.17 -11.69
C SER A 368 -24.15 19.02 -12.40
N ILE A 369 -24.41 17.81 -11.91
CA ILE A 369 -23.82 16.52 -12.37
C ILE A 369 -24.84 15.78 -13.24
N GLN A 370 -26.01 16.39 -13.48
CA GLN A 370 -27.10 15.72 -14.25
C GLN A 370 -26.78 15.80 -15.75
N HIS A 371 -26.03 16.84 -16.16
CA HIS A 371 -25.60 17.12 -17.56
C HIS A 371 -24.68 18.36 -17.57
N LEU A 372 -23.62 18.34 -18.38
CA LEU A 372 -22.69 19.50 -18.52
C LEU A 372 -23.09 20.29 -19.75
N THR A 373 -23.31 21.59 -19.60
CA THR A 373 -23.51 22.55 -20.72
C THR A 373 -22.19 22.55 -21.51
N VAL A 374 -22.22 22.88 -22.81
CA VAL A 374 -20.98 22.97 -23.66
C VAL A 374 -20.08 24.09 -23.13
N THR A 375 -20.68 25.19 -22.67
CA THR A 375 -19.97 26.37 -22.10
C THR A 375 -19.45 26.03 -20.68
N GLU A 376 -19.90 24.92 -20.09
CA GLU A 376 -19.36 24.41 -18.79
C GLU A 376 -18.10 23.58 -19.10
N GLU A 377 -18.15 22.72 -20.12
CA GLU A 377 -16.94 22.01 -20.62
C GLU A 377 -15.81 23.02 -20.83
N ILE A 378 -16.07 24.14 -21.49
CA ILE A 378 -14.98 25.12 -21.84
C ILE A 378 -14.35 25.61 -20.53
N ALA A 379 -15.14 25.80 -19.47
CA ALA A 379 -14.67 26.28 -18.14
C ALA A 379 -13.93 25.16 -17.40
N VAL A 380 -14.52 23.96 -17.31
CA VAL A 380 -13.90 22.74 -16.72
C VAL A 380 -12.53 22.51 -17.38
N LYS A 381 -12.48 22.56 -18.72
CA LYS A 381 -11.23 22.39 -19.50
C LYS A 381 -10.26 23.51 -19.13
N ASN A 382 -10.76 24.75 -19.05
CA ASN A 382 -9.88 25.93 -18.86
C ASN A 382 -9.33 25.94 -17.44
N TRP A 383 -10.13 25.52 -16.47
CA TRP A 383 -9.75 25.35 -15.04
C TRP A 383 -8.53 24.42 -14.97
N LEU A 384 -8.69 23.21 -15.46
CA LEU A 384 -7.59 22.22 -15.55
C LEU A 384 -6.30 22.85 -16.13
N VAL A 385 -6.45 23.67 -17.16
CA VAL A 385 -5.30 24.26 -17.93
C VAL A 385 -4.75 25.46 -17.14
N ARG A 386 -5.63 26.23 -16.51
CA ARG A 386 -5.26 27.47 -15.79
C ARG A 386 -4.58 27.08 -14.45
N VAL A 387 -5.17 26.16 -13.66
CA VAL A 387 -4.84 26.00 -12.21
C VAL A 387 -4.72 24.52 -11.79
N GLY A 388 -5.06 23.56 -12.66
CA GLY A 388 -5.00 22.11 -12.37
C GLY A 388 -3.71 21.69 -11.70
N ARG A 389 -2.56 22.14 -12.18
CA ARG A 389 -1.26 21.70 -11.61
C ARG A 389 -1.24 22.18 -10.17
N GLU A 390 -1.57 23.45 -9.92
CA GLU A 390 -1.56 24.08 -8.57
C GLU A 390 -2.48 23.27 -7.63
N ARG A 391 -3.63 22.83 -8.13
CA ARG A 391 -4.63 22.09 -7.34
C ARG A 391 -4.11 20.68 -6.98
N LEU A 392 -3.35 20.03 -7.88
CA LEU A 392 -2.66 18.73 -7.60
C LEU A 392 -1.68 18.88 -6.45
N SER A 393 -1.01 20.03 -6.39
CA SER A 393 0.01 20.31 -5.36
C SER A 393 -0.62 20.53 -3.99
N ARG A 394 -1.95 20.57 -3.87
CA ARG A 394 -2.68 20.76 -2.58
C ARG A 394 -3.11 19.41 -2.04
N MET A 395 -2.61 18.35 -2.64
CA MET A 395 -3.07 16.98 -2.34
C MET A 395 -1.85 16.07 -2.12
N ALA A 396 -2.00 15.13 -1.20
CA ALA A 396 -1.08 14.02 -0.96
C ALA A 396 -1.89 12.72 -1.11
N ILE A 397 -1.67 11.99 -2.21
CA ILE A 397 -2.52 10.83 -2.56
C ILE A 397 -1.64 9.58 -2.72
N SER A 398 -2.00 8.53 -1.98
CA SER A 398 -1.34 7.21 -1.92
C SER A 398 -2.39 6.12 -2.05
N GLY A 399 -2.73 5.73 -3.27
CA GLY A 399 -3.82 4.77 -3.48
C GLY A 399 -5.14 5.38 -3.04
N ASP A 400 -5.98 4.58 -2.39
CA ASP A 400 -7.32 4.99 -1.87
C ASP A 400 -7.18 6.11 -0.83
N ASP A 401 -5.96 6.55 -0.50
CA ASP A 401 -5.69 7.40 0.69
C ASP A 401 -5.29 8.80 0.21
N CYS A 402 -5.94 9.83 0.76
CA CYS A 402 -5.75 11.23 0.35
C CYS A 402 -5.84 12.19 1.54
N VAL A 403 -5.15 13.31 1.36
CA VAL A 403 -5.25 14.57 2.15
C VAL A 403 -5.34 15.70 1.13
N VAL A 404 -6.41 16.48 1.19
CA VAL A 404 -6.66 17.64 0.31
C VAL A 404 -6.65 18.87 1.20
N LYS A 405 -5.89 19.89 0.84
CA LYS A 405 -6.04 21.25 1.41
C LYS A 405 -6.63 22.13 0.32
N PRO A 406 -7.97 22.16 0.20
CA PRO A 406 -8.64 22.88 -0.88
C PRO A 406 -8.64 24.41 -0.67
N LEU A 407 -9.04 25.13 -1.74
CA LEU A 407 -8.88 26.61 -1.83
C LEU A 407 -9.66 27.25 -0.67
N ASP A 408 -10.71 26.59 -0.18
CA ASP A 408 -11.54 27.05 0.97
C ASP A 408 -12.42 25.89 1.45
N ASP A 409 -13.33 26.12 2.39
CA ASP A 409 -14.08 25.03 3.06
C ASP A 409 -15.42 24.74 2.35
N ARG A 410 -15.69 25.29 1.16
CA ARG A 410 -16.87 24.87 0.34
C ARG A 410 -16.72 23.38 -0.02
N PHE A 411 -15.48 22.95 -0.30
CA PHE A 411 -15.06 21.52 -0.50
C PHE A 411 -15.83 20.61 0.47
N ALA A 412 -15.93 20.99 1.76
CA ALA A 412 -16.48 20.16 2.86
C ALA A 412 -17.84 19.58 2.45
N SER A 413 -18.69 20.37 1.80
CA SER A 413 -20.11 20.06 1.49
C SER A 413 -20.35 19.82 -0.01
N ALA A 414 -19.31 19.96 -0.83
CA ALA A 414 -19.32 19.58 -2.26
C ALA A 414 -19.28 18.05 -2.38
N LEU A 415 -20.43 17.36 -2.41
CA LEU A 415 -20.53 15.86 -2.30
C LEU A 415 -21.25 15.20 -3.47
N THR A 416 -21.79 15.93 -4.46
CA THR A 416 -22.71 15.32 -5.45
C THR A 416 -21.88 14.44 -6.39
N ALA A 417 -20.80 15.01 -6.95
CA ALA A 417 -19.87 14.32 -7.89
C ALA A 417 -19.22 13.15 -7.16
N LEU A 418 -18.66 13.43 -5.98
CA LEU A 418 -17.99 12.39 -5.15
C LEU A 418 -18.92 11.20 -4.95
N ASN A 419 -20.13 11.43 -4.43
CA ASN A 419 -21.12 10.37 -4.12
C ASN A 419 -21.59 9.67 -5.40
N ASP A 420 -21.71 10.44 -6.48
CA ASP A 420 -22.17 9.90 -7.79
C ASP A 420 -21.05 9.10 -8.48
N MET A 421 -19.78 9.45 -8.31
CA MET A 421 -18.65 8.63 -8.84
C MET A 421 -18.61 7.28 -8.10
N GLY A 422 -19.30 7.15 -6.98
CA GLY A 422 -19.32 5.92 -6.18
C GLY A 422 -18.30 5.95 -5.06
N LYS A 423 -17.53 7.04 -4.98
CA LYS A 423 -16.43 7.23 -4.00
C LYS A 423 -17.03 7.75 -2.69
N VAL A 424 -17.90 6.93 -2.10
CA VAL A 424 -18.75 7.27 -0.94
C VAL A 424 -17.91 7.13 0.33
N ARG A 425 -18.02 8.14 1.21
CA ARG A 425 -17.19 8.32 2.43
C ARG A 425 -17.57 7.28 3.50
N LYS A 426 -16.57 6.80 4.24
CA LYS A 426 -16.66 5.89 5.41
C LYS A 426 -17.07 6.68 6.67
N ASP A 427 -17.86 6.08 7.57
CA ASP A 427 -18.13 6.54 8.96
C ASP A 427 -18.61 8.00 8.99
N ILE A 428 -19.67 8.30 8.24
CA ILE A 428 -20.35 9.63 8.14
C ILE A 428 -21.51 9.47 7.16
N GLN A 429 -22.61 10.19 7.35
CA GLN A 429 -23.84 9.99 6.54
C GLN A 429 -23.60 10.55 5.14
N GLN A 430 -24.14 9.89 4.12
CA GLN A 430 -23.93 10.23 2.70
C GLN A 430 -23.90 11.77 2.50
N TRP A 431 -24.81 12.54 3.09
CA TRP A 431 -25.00 13.98 2.74
C TRP A 431 -24.55 14.92 3.86
N GLU A 432 -24.04 14.39 5.00
CA GLU A 432 -23.44 15.18 6.11
C GLU A 432 -22.07 15.70 5.67
N PRO A 433 -21.76 17.00 5.82
CA PRO A 433 -20.51 17.55 5.32
C PRO A 433 -19.26 17.02 6.04
N SER A 434 -18.09 17.20 5.44
CA SER A 434 -16.81 16.63 5.92
C SER A 434 -16.30 17.42 7.14
N ARG A 435 -16.06 16.73 8.27
CA ARG A 435 -15.21 17.22 9.38
C ARG A 435 -13.76 17.26 8.87
N GLY A 436 -13.16 18.43 8.83
CA GLY A 436 -11.78 18.65 8.33
C GLY A 436 -10.84 19.11 9.43
N TRP A 437 -9.56 18.80 9.30
CA TRP A 437 -8.51 19.00 10.33
C TRP A 437 -7.88 20.39 10.22
N ASN A 438 -7.66 21.09 11.35
CA ASN A 438 -7.13 22.47 11.41
C ASN A 438 -5.61 22.49 11.59
N ASP A 439 -4.99 21.36 11.96
CA ASP A 439 -3.52 21.25 12.22
C ASP A 439 -2.96 20.01 11.49
N TRP A 440 -1.92 20.17 10.67
CA TRP A 440 -1.31 19.10 9.83
C TRP A 440 -0.70 17.97 10.67
N THR A 441 -0.35 18.26 11.93
CA THR A 441 0.17 17.26 12.92
C THR A 441 -0.97 16.43 13.52
N GLN A 442 -2.21 16.55 13.01
CA GLN A 442 -3.39 15.77 13.50
C GLN A 442 -3.95 14.90 12.39
N VAL A 443 -3.70 15.30 11.14
CA VAL A 443 -4.17 14.68 9.88
C VAL A 443 -3.70 13.24 9.88
N PRO A 444 -4.60 12.26 9.63
CA PRO A 444 -4.19 10.89 9.39
C PRO A 444 -3.72 10.68 7.94
N PHE A 445 -2.65 9.94 7.72
CA PHE A 445 -2.14 9.66 6.36
C PHE A 445 -1.27 8.41 6.37
N CYS A 446 -1.70 7.37 5.68
CA CYS A 446 -1.00 6.06 5.54
C CYS A 446 -0.85 5.41 6.92
N SER A 447 -1.93 5.44 7.72
CA SER A 447 -2.00 4.79 9.06
C SER A 447 -1.25 5.59 10.13
N HIS A 448 -0.74 6.78 9.82
CA HIS A 448 0.21 7.55 10.67
C HIS A 448 -0.34 8.94 10.98
N HIS A 449 0.32 9.63 11.91
CA HIS A 449 0.24 11.10 12.14
C HIS A 449 1.67 11.59 12.30
N PHE A 450 1.89 12.90 12.25
CA PHE A 450 3.26 13.45 12.07
C PHE A 450 3.48 14.52 13.14
N HIS A 451 4.61 14.42 13.87
CA HIS A 451 4.97 15.32 14.98
C HIS A 451 6.10 16.24 14.53
N GLU A 452 6.04 17.50 14.97
CA GLU A 452 7.12 18.49 14.87
C GLU A 452 7.94 18.35 16.15
N LEU A 453 9.27 18.28 16.01
CA LEU A 453 10.14 17.79 17.10
C LEU A 453 11.47 18.51 16.99
N ILE A 454 11.77 19.32 17.99
CA ILE A 454 12.92 20.26 17.93
C ILE A 454 14.12 19.58 18.61
N MET A 455 15.15 19.29 17.83
CA MET A 455 16.46 18.76 18.32
C MET A 455 17.04 19.80 19.28
N LYS A 456 17.90 19.35 20.20
N LYS A 456 17.90 19.34 20.20
CA LYS A 456 18.53 20.19 21.25
CA LYS A 456 18.57 20.17 21.23
C LYS A 456 19.48 21.22 20.60
C LYS A 456 19.35 21.31 20.58
N ASP A 457 19.60 21.24 19.27
CA ASP A 457 20.40 22.26 18.53
C ASP A 457 19.51 23.14 17.65
N GLY A 458 18.19 23.12 17.86
CA GLY A 458 17.24 24.00 17.13
C GLY A 458 16.79 23.43 15.80
N ARG A 459 17.46 22.41 15.26
CA ARG A 459 17.07 21.84 13.95
C ARG A 459 15.76 21.05 14.13
N VAL A 460 14.95 20.99 13.08
CA VAL A 460 13.53 20.56 13.17
C VAL A 460 13.37 19.21 12.48
N LEU A 461 12.90 18.21 13.21
CA LEU A 461 12.49 16.91 12.62
C LEU A 461 10.97 16.87 12.58
N VAL A 462 10.44 16.39 11.45
CA VAL A 462 9.02 15.99 11.32
C VAL A 462 9.03 14.47 11.23
N VAL A 463 8.47 13.79 12.23
CA VAL A 463 8.72 12.33 12.45
C VAL A 463 7.38 11.61 12.40
N PRO A 464 7.31 10.41 11.78
CA PRO A 464 6.07 9.65 11.71
C PRO A 464 5.74 9.05 13.08
N CYS A 465 4.52 8.62 13.29
CA CYS A 465 4.08 8.11 14.61
C CYS A 465 2.73 7.43 14.48
N ARG A 466 2.45 6.46 15.35
CA ARG A 466 1.09 5.90 15.52
C ARG A 466 1.05 5.10 16.81
N ASN A 467 -0.11 4.60 17.17
CA ASN A 467 -0.31 4.04 18.51
C ASN A 467 0.75 2.97 18.76
N GLN A 468 1.46 3.04 19.88
CA GLN A 468 2.58 2.11 20.16
C GLN A 468 2.03 0.68 20.22
N ASP A 469 0.81 0.45 20.68
CA ASP A 469 0.27 -0.95 20.75
C ASP A 469 0.23 -1.51 19.32
N GLU A 470 -0.12 -0.72 18.32
CA GLU A 470 -0.12 -1.14 16.89
C GLU A 470 1.31 -1.55 16.48
N LEU A 471 2.33 -0.76 16.82
CA LEU A 471 3.71 -1.00 16.32
C LEU A 471 4.30 -2.30 16.93
N ILE A 472 4.15 -2.44 18.23
CA ILE A 472 4.63 -3.58 19.04
C ILE A 472 3.84 -4.85 18.67
N GLY A 473 2.55 -4.71 18.39
CA GLY A 473 1.68 -5.84 18.00
C GLY A 473 2.12 -6.47 16.68
N ARG A 474 2.49 -5.66 15.69
CA ARG A 474 2.93 -6.11 14.34
C ARG A 474 4.30 -6.80 14.46
N ALA A 475 5.23 -6.25 15.26
CA ALA A 475 6.60 -6.80 15.41
C ALA A 475 6.52 -8.17 16.09
N ARG A 476 5.45 -8.44 16.83
CA ARG A 476 5.31 -9.73 17.57
C ARG A 476 4.78 -10.80 16.64
N ILE A 477 4.57 -10.48 15.37
CA ILE A 477 3.85 -11.38 14.42
C ILE A 477 4.74 -11.70 13.22
N SER A 478 4.75 -12.99 12.83
N SER A 478 4.78 -12.99 12.83
CA SER A 478 5.41 -13.54 11.63
CA SER A 478 5.43 -13.48 11.59
C SER A 478 4.34 -14.18 10.72
C SER A 478 4.39 -14.21 10.72
N GLN A 479 4.52 -14.10 9.40
CA GLN A 479 3.61 -14.77 8.42
C GLN A 479 4.34 -15.99 7.88
N GLY A 480 3.83 -17.20 8.18
CA GLY A 480 4.19 -18.42 7.46
C GLY A 480 4.67 -19.55 8.36
N ALA A 481 5.01 -20.67 7.72
CA ALA A 481 5.51 -21.91 8.35
C ALA A 481 7.03 -22.01 8.13
N GLY A 482 7.68 -22.90 8.89
CA GLY A 482 9.08 -23.30 8.71
C GLY A 482 10.06 -22.15 8.88
N TRP A 483 9.92 -21.36 9.94
CA TRP A 483 10.91 -20.32 10.34
C TRP A 483 11.92 -20.95 11.32
N SER A 484 13.21 -20.66 11.17
CA SER A 484 14.26 -21.05 12.14
C SER A 484 14.43 -19.93 13.18
N LEU A 485 15.09 -20.20 14.29
CA LEU A 485 15.36 -19.18 15.34
C LEU A 485 16.16 -18.04 14.70
N ARG A 486 17.02 -18.36 13.74
CA ARG A 486 17.90 -17.39 13.04
C ARG A 486 17.05 -16.46 12.16
N GLU A 487 16.07 -17.03 11.45
CA GLU A 487 15.14 -16.26 10.58
C GLU A 487 14.25 -15.41 11.49
N THR A 488 13.69 -16.02 12.54
CA THR A 488 12.81 -15.34 13.52
C THR A 488 13.60 -14.16 14.12
N ALA A 489 14.88 -14.37 14.40
CA ALA A 489 15.78 -13.36 14.99
C ALA A 489 15.99 -12.22 14.00
N CYS A 490 16.21 -12.56 12.72
CA CYS A 490 16.54 -11.59 11.64
C CYS A 490 15.28 -10.78 11.25
N LEU A 491 14.08 -11.33 11.44
CA LEU A 491 12.83 -10.54 11.30
C LEU A 491 12.72 -9.58 12.49
N GLY A 492 12.91 -10.09 13.71
CA GLY A 492 12.99 -9.25 14.91
C GLY A 492 13.90 -8.06 14.65
N LYS A 493 15.08 -8.29 14.07
CA LYS A 493 16.07 -7.23 13.78
C LYS A 493 15.51 -6.22 12.79
N SER A 494 14.89 -6.68 11.70
CA SER A 494 14.24 -5.80 10.70
C SER A 494 13.33 -4.81 11.43
N TYR A 495 12.55 -5.27 12.40
CA TYR A 495 11.57 -4.40 13.09
C TYR A 495 12.28 -3.38 13.97
N ALA A 496 13.19 -3.87 14.81
CA ALA A 496 14.07 -3.07 15.69
C ALA A 496 14.72 -1.93 14.90
N GLN A 497 15.29 -2.20 13.73
CA GLN A 497 16.03 -1.21 12.90
C GLN A 497 15.01 -0.21 12.30
N MET A 498 13.82 -0.67 11.94
CA MET A 498 12.76 0.27 11.49
C MET A 498 12.45 1.22 12.66
N TRP A 499 12.18 0.66 13.84
CA TRP A 499 11.85 1.44 15.06
C TRP A 499 12.96 2.50 15.32
N SER A 500 14.23 2.11 15.16
N SER A 500 14.22 2.12 15.16
CA SER A 500 15.41 2.98 15.39
CA SER A 500 15.40 3.01 15.42
C SER A 500 15.46 4.10 14.35
C SER A 500 15.48 4.10 14.34
N LEU A 501 15.09 3.79 13.11
CA LEU A 501 15.16 4.78 12.00
C LEU A 501 13.96 5.72 12.07
N MET A 502 12.75 5.19 12.31
CA MET A 502 11.45 5.86 12.05
C MET A 502 10.81 6.34 13.35
N TYR A 503 10.92 5.55 14.43
CA TYR A 503 10.21 5.74 15.72
C TYR A 503 11.19 5.86 16.90
N PHE A 504 12.39 6.38 16.65
CA PHE A 504 13.47 6.61 17.65
C PHE A 504 12.98 7.54 18.77
N HIS A 505 11.97 8.34 18.44
CA HIS A 505 11.46 9.42 19.32
C HIS A 505 10.51 8.85 20.36
N ARG A 506 10.13 7.60 20.24
CA ARG A 506 9.30 6.91 21.27
C ARG A 506 10.24 6.14 22.19
N ARG A 507 10.16 6.39 23.49
CA ARG A 507 11.14 5.84 24.47
C ARG A 507 11.12 4.31 24.44
N ASP A 508 9.95 3.67 24.59
CA ASP A 508 9.86 2.18 24.70
C ASP A 508 10.46 1.52 23.46
N LEU A 509 10.43 2.19 22.32
CA LEU A 509 10.77 1.61 21.01
C LEU A 509 12.27 1.75 20.79
N ARG A 510 12.88 2.85 21.24
CA ARG A 510 14.34 3.01 21.10
C ARG A 510 14.97 1.95 22.00
N LEU A 511 14.35 1.69 23.15
CA LEU A 511 14.85 0.72 24.17
C LEU A 511 14.63 -0.67 23.61
N ALA A 512 13.43 -1.02 23.17
CA ALA A 512 13.15 -2.38 22.71
C ALA A 512 14.05 -2.66 21.53
N ALA A 513 14.34 -1.62 20.75
CA ALA A 513 15.14 -1.70 19.51
C ALA A 513 16.59 -2.01 19.87
N ASN A 514 17.15 -1.33 20.87
CA ASN A 514 18.55 -1.56 21.30
C ASN A 514 18.64 -2.95 21.94
N ALA A 515 17.62 -3.33 22.73
CA ALA A 515 17.56 -4.67 23.33
C ALA A 515 17.60 -5.70 22.20
N ILE A 516 16.68 -5.65 21.24
CA ILE A 516 16.60 -6.70 20.18
C ILE A 516 17.96 -6.76 19.49
N CYS A 517 18.47 -5.62 18.99
CA CYS A 517 19.74 -5.56 18.23
C CYS A 517 20.90 -6.09 19.08
N SER A 518 20.81 -6.03 20.40
CA SER A 518 21.82 -6.57 21.32
C SER A 518 21.66 -8.09 21.42
N ALA A 519 20.42 -8.59 21.44
CA ALA A 519 20.06 -10.01 21.71
C ALA A 519 20.26 -10.89 20.47
N VAL A 520 20.62 -10.28 19.35
CA VAL A 520 20.71 -10.95 18.02
C VAL A 520 22.10 -10.68 17.46
N PRO A 521 22.80 -11.72 16.97
CA PRO A 521 24.19 -11.58 16.53
C PRO A 521 24.36 -10.33 15.65
N SER A 522 25.38 -9.53 15.95
N SER A 522 25.39 -9.52 15.96
CA SER A 522 25.67 -8.22 15.29
CA SER A 522 25.72 -8.24 15.32
C SER A 522 25.72 -8.36 13.77
C SER A 522 25.72 -8.37 13.79
N HIS A 523 26.27 -9.46 13.26
CA HIS A 523 26.53 -9.66 11.80
C HIS A 523 25.38 -10.32 11.04
N TRP A 524 24.32 -10.80 11.73
CA TRP A 524 23.17 -11.45 11.05
C TRP A 524 22.30 -10.37 10.40
N VAL A 525 21.79 -10.69 9.21
CA VAL A 525 21.18 -9.70 8.29
C VAL A 525 19.68 -9.71 8.49
N PRO A 526 19.05 -8.52 8.65
CA PRO A 526 17.59 -8.37 8.54
C PRO A 526 16.91 -9.06 7.34
N THR A 527 15.71 -9.63 7.57
CA THR A 527 14.90 -10.34 6.55
C THR A 527 13.45 -9.87 6.61
N SER A 528 12.68 -10.16 5.55
CA SER A 528 11.23 -9.81 5.43
C SER A 528 10.68 -10.54 4.19
N ARG A 529 9.60 -11.32 4.33
CA ARG A 529 9.05 -12.17 3.25
C ARG A 529 8.15 -11.36 2.32
N THR A 530 7.68 -10.18 2.75
CA THR A 530 6.87 -9.25 1.88
C THR A 530 7.40 -7.82 2.02
N THR A 531 8.39 -7.44 1.19
CA THR A 531 9.07 -6.11 1.21
C THR A 531 8.09 -5.04 0.71
N ALA A 536 7.31 1.16 -0.45
CA ALA A 536 8.01 2.35 0.06
C ALA A 536 9.53 2.11 0.06
N THR A 537 10.30 3.15 0.41
CA THR A 537 11.77 3.10 0.66
C THR A 537 12.00 2.43 2.02
N HIS A 538 12.82 1.38 2.05
N HIS A 538 12.82 1.37 2.04
CA HIS A 538 13.10 0.53 3.23
CA HIS A 538 13.12 0.52 3.22
C HIS A 538 14.60 0.59 3.56
C HIS A 538 14.61 0.60 3.55
N GLU A 539 15.06 1.71 4.14
CA GLU A 539 16.51 1.97 4.41
C GLU A 539 17.00 1.25 5.68
N TRP A 540 16.10 0.71 6.49
CA TRP A 540 16.48 -0.05 7.72
C TRP A 540 16.94 -1.48 7.37
N MET A 541 16.83 -1.91 6.11
CA MET A 541 17.22 -3.30 5.68
C MET A 541 18.68 -3.26 5.20
N THR A 542 19.60 -3.54 6.12
CA THR A 542 21.06 -3.27 6.02
C THR A 542 21.74 -3.73 7.31
N THR A 543 23.06 -3.93 7.28
CA THR A 543 23.91 -4.27 8.45
C THR A 543 24.81 -3.09 8.81
N GLU A 544 24.62 -1.95 8.15
CA GLU A 544 25.37 -0.69 8.40
C GLU A 544 25.05 -0.16 9.81
N ASP A 545 25.95 0.65 10.38
CA ASP A 545 25.76 1.33 11.67
C ASP A 545 24.46 2.13 11.56
N MET A 546 23.54 1.90 12.48
CA MET A 546 22.19 2.52 12.41
C MET A 546 22.31 4.01 12.70
N LEU A 547 23.35 4.44 13.41
CA LEU A 547 23.61 5.89 13.61
C LEU A 547 24.00 6.49 12.26
N THR A 548 24.78 5.76 11.46
CA THR A 548 25.25 6.24 10.15
C THR A 548 24.05 6.35 9.19
N VAL A 549 23.20 5.32 9.14
CA VAL A 549 21.94 5.32 8.33
C VAL A 549 21.02 6.48 8.76
N TRP A 550 20.85 6.73 10.06
CA TRP A 550 20.04 7.87 10.60
C TRP A 550 20.56 9.20 10.01
N ASN A 551 21.88 9.42 10.11
CA ASN A 551 22.54 10.68 9.67
C ASN A 551 22.21 10.87 8.19
N ARG A 552 22.35 9.83 7.39
CA ARG A 552 22.21 9.95 5.92
C ARG A 552 20.77 10.36 5.61
N VAL A 553 19.81 9.78 6.33
CA VAL A 553 18.36 9.82 6.02
C VAL A 553 17.78 11.13 6.57
N TRP A 554 18.07 11.47 7.81
CA TRP A 554 17.39 12.59 8.52
C TRP A 554 18.17 13.89 8.35
N ILE A 555 19.48 13.83 8.07
CA ILE A 555 20.34 15.04 7.93
C ILE A 555 20.78 15.17 6.47
N GLN A 556 21.63 14.23 6.02
CA GLN A 556 22.46 14.37 4.81
C GLN A 556 21.55 14.47 3.58
N GLU A 557 20.59 13.57 3.46
CA GLU A 557 19.71 13.43 2.26
C GLU A 557 18.40 14.22 2.44
N ASN A 558 18.11 14.70 3.64
CA ASN A 558 16.82 15.36 4.03
C ASN A 558 16.77 16.75 3.41
N PRO A 559 16.00 16.98 2.32
CA PRO A 559 15.97 18.30 1.67
C PRO A 559 15.37 19.44 2.51
N TRP A 560 14.74 19.14 3.65
CA TRP A 560 14.10 20.14 4.53
C TRP A 560 15.03 20.60 5.66
N MET A 561 16.24 20.03 5.73
CA MET A 561 17.29 20.27 6.75
C MET A 561 18.46 21.02 6.08
N GLU A 562 18.65 22.30 6.35
CA GLU A 562 19.65 23.15 5.61
C GLU A 562 21.05 22.89 6.19
N ASP A 563 21.21 22.96 7.52
CA ASP A 563 22.49 22.62 8.21
C ASP A 563 22.72 21.10 8.15
N LYS A 564 23.87 20.67 7.61
CA LYS A 564 24.18 19.23 7.37
C LYS A 564 25.18 18.70 8.41
N THR A 565 25.17 19.25 9.63
CA THR A 565 26.07 18.87 10.74
C THR A 565 25.70 17.47 11.20
N PRO A 566 26.56 16.42 10.99
CA PRO A 566 26.16 15.06 11.31
C PRO A 566 25.95 15.03 12.83
N VAL A 567 25.08 14.17 13.31
CA VAL A 567 24.90 13.85 14.75
C VAL A 567 25.94 12.78 15.12
N GLU A 568 26.59 12.92 16.28
CA GLU A 568 27.79 12.14 16.70
C GLU A 568 27.41 10.98 17.63
N SER A 569 26.27 11.06 18.31
CA SER A 569 25.74 10.00 19.20
C SER A 569 24.22 10.09 19.34
N TRP A 570 23.60 8.98 19.75
CA TRP A 570 22.13 8.87 19.90
C TRP A 570 21.56 9.87 20.93
N GLU A 571 22.34 10.34 21.90
CA GLU A 571 21.82 11.24 22.96
C GLU A 571 21.48 12.60 22.37
N GLU A 572 22.12 12.98 21.26
CA GLU A 572 21.83 14.24 20.51
C GLU A 572 20.45 14.19 19.85
N ILE A 573 19.93 12.97 19.68
CA ILE A 573 18.68 12.65 18.93
C ILE A 573 17.52 12.63 19.93
N PRO A 574 16.56 13.58 19.81
CA PRO A 574 15.53 13.77 20.83
C PRO A 574 14.35 12.80 20.77
N TYR A 575 13.61 12.72 21.89
CA TYR A 575 12.29 12.07 22.02
C TYR A 575 11.16 13.11 21.90
N LEU A 576 9.92 12.65 21.68
CA LEU A 576 8.69 13.45 21.91
C LEU A 576 8.72 13.89 23.36
N GLY A 577 7.88 14.86 23.74
CA GLY A 577 7.60 15.16 25.16
C GLY A 577 7.11 13.91 25.89
N LYS A 578 7.43 13.80 27.19
CA LYS A 578 7.09 12.61 28.01
C LYS A 578 5.56 12.44 28.03
N ARG A 579 4.81 13.54 28.09
CA ARG A 579 3.31 13.50 28.10
C ARG A 579 2.81 13.11 26.70
N GLU A 580 3.39 13.70 25.66
CA GLU A 580 3.14 13.33 24.24
C GLU A 580 3.38 11.83 24.02
N ASP A 581 4.43 11.25 24.60
CA ASP A 581 4.79 9.81 24.43
C ASP A 581 3.68 8.94 25.02
N GLN A 582 3.13 9.33 26.18
CA GLN A 582 2.08 8.58 26.92
C GLN A 582 0.79 8.59 26.06
N TRP A 583 0.45 9.74 25.51
CA TRP A 583 -0.78 9.91 24.69
C TRP A 583 -0.71 8.98 23.48
N CYS A 584 0.48 8.80 22.90
CA CYS A 584 0.68 7.97 21.69
C CYS A 584 0.99 6.53 22.09
N GLY A 585 0.81 6.18 23.38
CA GLY A 585 0.61 4.81 23.90
C GLY A 585 1.82 4.22 24.64
N SER A 586 2.75 5.07 25.11
CA SER A 586 3.92 4.68 25.94
C SER A 586 3.49 4.16 27.33
N LEU A 587 4.23 3.19 27.87
CA LEU A 587 4.08 2.63 29.25
C LEU A 587 5.02 3.30 30.25
N ILE A 588 5.76 4.34 29.83
CA ILE A 588 6.62 5.17 30.72
C ILE A 588 5.76 5.63 31.90
N GLY A 589 6.19 5.34 33.13
CA GLY A 589 5.44 5.71 34.35
C GLY A 589 4.80 4.51 35.02
N LEU A 590 4.69 3.37 34.32
CA LEU A 590 4.14 2.12 34.93
C LEU A 590 5.27 1.35 35.61
N THR A 591 4.94 0.74 36.74
CA THR A 591 5.77 -0.26 37.45
C THR A 591 6.39 -1.25 36.46
N SER A 592 5.54 -2.01 35.76
CA SER A 592 5.98 -3.09 34.83
C SER A 592 7.01 -2.53 33.84
N ARG A 593 6.78 -1.34 33.26
CA ARG A 593 7.69 -0.79 32.21
C ARG A 593 9.10 -0.55 32.80
N ALA A 594 9.18 -0.06 34.03
CA ALA A 594 10.41 0.33 34.76
C ALA A 594 11.20 -0.92 35.17
N THR A 595 10.52 -1.97 35.59
CA THR A 595 11.09 -3.28 35.93
C THR A 595 11.80 -3.82 34.70
N TRP A 596 11.09 -3.78 33.58
CA TRP A 596 11.56 -4.18 32.23
C TRP A 596 12.83 -3.40 31.87
N ALA A 597 12.81 -2.08 31.98
CA ALA A 597 13.97 -1.23 31.65
C ALA A 597 15.14 -1.56 32.57
N LYS A 598 14.88 -1.53 33.88
CA LYS A 598 15.86 -1.86 34.95
C LYS A 598 16.64 -3.08 34.51
N ASN A 599 15.95 -4.20 34.37
CA ASN A 599 16.52 -5.57 34.21
C ASN A 599 16.63 -5.97 32.74
N ILE A 600 16.83 -5.02 31.82
CA ILE A 600 16.72 -5.32 30.36
C ILE A 600 17.80 -6.31 29.93
N GLN A 601 18.99 -6.20 30.52
N GLN A 601 18.99 -6.20 30.52
CA GLN A 601 20.19 -7.03 30.20
CA GLN A 601 20.18 -7.04 30.18
C GLN A 601 19.90 -8.50 30.50
C GLN A 601 19.89 -8.51 30.50
N THR A 602 18.97 -8.78 31.42
CA THR A 602 18.56 -10.16 31.82
C THR A 602 17.68 -10.81 30.75
N ALA A 603 16.85 -10.01 30.08
CA ALA A 603 15.99 -10.43 28.95
C ALA A 603 16.90 -10.66 27.77
N ILE A 604 17.82 -9.73 27.53
CA ILE A 604 18.75 -9.80 26.38
C ILE A 604 19.51 -11.13 26.46
N ASN A 605 20.01 -11.49 27.65
CA ASN A 605 20.80 -12.72 27.82
C ASN A 605 19.90 -13.93 27.63
N GLN A 606 18.61 -13.84 27.98
CA GLN A 606 17.72 -15.01 27.90
C GLN A 606 17.72 -15.47 26.46
N VAL A 607 17.55 -14.53 25.52
CA VAL A 607 17.46 -14.79 24.05
C VAL A 607 18.84 -15.26 23.54
N ARG A 608 19.91 -14.56 23.96
CA ARG A 608 21.31 -14.90 23.61
C ARG A 608 21.58 -16.37 23.95
N SER A 609 21.12 -16.81 25.11
CA SER A 609 21.25 -18.20 25.62
C SER A 609 20.55 -19.20 24.68
N LEU A 610 19.40 -18.82 24.11
CA LEU A 610 18.57 -19.71 23.25
C LEU A 610 19.22 -19.82 21.86
N ILE A 611 19.67 -18.69 21.35
CA ILE A 611 20.29 -18.58 20.02
C ILE A 611 21.64 -19.33 20.02
N GLY A 612 22.58 -18.95 20.89
CA GLY A 612 23.79 -19.74 21.22
C GLY A 612 25.03 -18.89 21.43
N ASN A 613 26.20 -19.49 21.22
CA ASN A 613 27.52 -18.83 21.38
C ASN A 613 27.89 -18.15 20.06
N GLU A 614 27.31 -16.99 19.79
CA GLU A 614 27.55 -16.20 18.55
C GLU A 614 28.27 -14.93 18.96
N GLU A 615 28.48 -13.99 18.04
CA GLU A 615 29.09 -12.69 18.40
C GLU A 615 27.99 -11.65 18.47
N TYR A 616 27.83 -11.07 19.67
CA TYR A 616 26.82 -10.06 20.06
C TYR A 616 27.49 -8.76 20.50
N THR A 617 26.85 -7.63 20.19
CA THR A 617 27.22 -6.26 20.62
C THR A 617 26.18 -5.73 21.63
N ASP A 618 26.62 -5.07 22.72
CA ASP A 618 25.73 -4.35 23.67
C ASP A 618 25.47 -2.94 23.10
N TYR A 619 24.21 -2.66 22.77
CA TYR A 619 23.75 -1.38 22.17
C TYR A 619 23.06 -0.47 23.21
N MET A 620 23.06 -0.87 24.49
CA MET A 620 22.34 -0.13 25.57
C MET A 620 23.18 1.04 26.12
N PRO A 621 24.53 0.95 26.23
CA PRO A 621 25.38 2.15 26.46
C PRO A 621 25.26 3.35 25.49
N SER A 622 24.42 3.29 24.45
CA SER A 622 24.03 4.44 23.58
C SER A 622 22.96 5.28 24.28
N MET A 623 22.25 4.67 25.24
CA MET A 623 21.19 5.29 26.08
C MET A 623 21.83 5.97 27.30
N LYS A 624 21.54 7.26 27.53
CA LYS A 624 22.10 8.08 28.65
C LYS A 624 22.09 7.25 29.94
N ARG A 625 20.96 6.60 30.26
CA ARG A 625 20.66 5.95 31.57
C ARG A 625 21.46 4.65 31.75
N PHE A 626 21.75 3.91 30.68
CA PHE A 626 22.56 2.66 30.72
C PHE A 626 24.05 3.04 30.59
N ARG A 627 24.33 4.33 30.39
CA ARG A 627 25.71 4.88 30.39
C ARG A 627 26.04 5.24 31.85
N ARG A 628 26.70 4.31 32.56
CA ARG A 628 27.32 4.51 33.91
C ARG A 628 26.52 5.54 34.73
ZN ZN B . 2.21 10.41 18.01
ZN ZN C . -4.79 -13.85 -20.86
O1 MES D . 12.61 -20.60 20.43
O1 MES D . 12.44 -20.56 20.53
C2 MES D . 11.84 -21.33 21.36
C2 MES D . 11.71 -21.02 21.65
C3 MES D . 10.46 -20.75 21.50
C3 MES D . 10.59 -20.09 22.02
N4 MES D . 10.55 -19.32 21.95
N4 MES D . 11.15 -18.73 22.32
C5 MES D . 11.44 -18.57 21.01
C5 MES D . 11.94 -18.26 21.16
C6 MES D . 12.77 -19.27 20.90
C6 MES D . 13.00 -19.27 20.81
C7 MES D . 9.19 -18.69 22.04
C7 MES D . 10.07 -17.74 22.70
C8 MES D . 9.15 -17.51 22.99
C8 MES D . 8.68 -18.19 22.34
S MES D . 7.50 -16.94 23.28
S MES D . 7.44 -17.52 23.43
O1S MES D . 7.13 -17.41 24.58
O1S MES D . 8.09 -17.41 24.70
O2S MES D . 7.57 -15.50 23.22
O2S MES D . 7.07 -16.25 22.89
O3S MES D . 6.69 -17.49 22.23
O3S MES D . 6.36 -18.47 23.44
S DMS E . 21.06 0.02 17.62
O DMS E . 21.49 1.37 17.10
C1 DMS E . 21.39 -1.15 16.33
C2 DMS E . 19.29 -0.01 17.49
S DMS F . 18.05 13.03 25.44
O DMS F . 17.58 13.21 24.02
C1 DMS F . 18.80 11.42 25.53
C2 DMS F . 16.60 12.71 26.40
S DMS G . 9.39 -4.91 8.42
O DMS G . 10.66 -4.90 7.64
C1 DMS G . 8.33 -3.74 7.61
C2 DMS G . 9.69 -3.94 9.86
C1 PEG H . 18.11 -0.28 1.26
O1 PEG H . 17.95 1.00 0.67
C2 PEG H . 17.38 -1.34 0.51
O2 PEG H . 17.20 -2.48 1.34
C3 PEG H . 16.68 -3.63 0.65
C4 PEG H . 15.18 -3.55 0.55
O4 PEG H . 14.54 -4.81 0.62
P PO4 I . -7.00 8.97 5.16
O1 PO4 I . -7.98 9.28 6.28
O2 PO4 I . -7.50 9.63 3.85
O3 PO4 I . -5.60 9.51 5.50
O4 PO4 I . -6.93 7.47 4.99
C1 PEG J . -7.24 1.51 25.00
O1 PEG J . -6.88 2.63 24.23
C2 PEG J . -7.41 1.84 26.45
O2 PEG J . -6.57 2.94 26.79
C3 PEG J . -5.33 2.53 27.37
C4 PEG J . -5.20 3.08 28.75
O4 PEG J . -5.32 2.07 29.74
P PO4 K . -8.91 2.53 -27.75
O1 PO4 K . -9.50 1.78 -26.56
O2 PO4 K . -9.64 3.86 -27.92
O3 PO4 K . -7.42 2.78 -27.50
O4 PO4 K . -9.07 1.68 -29.01
C1 PEG L . 10.59 19.40 -1.88
O1 PEG L . 11.46 18.30 -1.72
C2 PEG L . 11.32 20.69 -2.08
O2 PEG L . 12.31 20.84 -1.05
C3 PEG L . 12.72 22.19 -0.83
C4 PEG L . 12.44 22.59 0.59
O4 PEG L . 13.59 23.08 1.28
N1 KBU M . -4.65 20.66 -22.94
C4 KBU M . -4.65 18.25 -22.08
C5 KBU M . -4.97 19.29 -22.96
C6 KBU M . -5.23 21.14 -24.03
C7 KBU M . -5.74 19.02 -24.09
C1 KBU M . -6.19 17.72 -24.33
C2 KBU M . -5.87 16.70 -23.47
C3 KBU M . -5.10 16.97 -22.35
N2 KBU M . -5.89 20.21 -24.76
CL1 KBU M . -7.19 17.40 -25.71
#